data_6F6P
#
_entry.id   6F6P
#
_cell.length_a   47.322
_cell.length_b   77.000
_cell.length_c   137.258
_cell.angle_alpha   90.00
_cell.angle_beta   90.00
_cell.angle_gamma   90.00
#
_symmetry.space_group_name_H-M   'P 21 21 21'
#
loop_
_entity.id
_entity.type
_entity.pdbx_description
1 polymer 'Rab-3A-interacting protein'
2 polymer 'Rab-3A-interacting protein'
3 water water
#
loop_
_entity_poly.entity_id
_entity_poly.type
_entity_poly.pdbx_seq_one_letter_code
_entity_poly.pdbx_strand_id
1 'polypeptide(L)'
;GAASRLRSPSVLEVREKGYERLKEELAKAQRELKLKDEECERLSKVRDQLGQELEELTASLFEEAHKMVREANIKQATAE
KQLKEAQGKIDVLQAEVAALKTLVLS
;
A,B,D
2 'polypeptide(L)'
;GASSRLRSPSVLEVREKGYERLKEELAKAQRELKLKDEECERLSKVRDQLGQELEELTASLFEEAHKMVREANIKQATAE
KQLKEAQGKIDVLQAEVAALKTLVLS
;
C
#
# COMPACT_ATOMS: atom_id res chain seq x y z
N PRO A 9 -10.21 -41.39 14.44
CA PRO A 9 -9.75 -40.05 14.07
C PRO A 9 -10.22 -38.99 15.06
N SER A 10 -11.53 -38.95 15.27
CA SER A 10 -12.17 -38.10 16.28
C SER A 10 -12.07 -36.61 15.96
N VAL A 11 -12.49 -35.79 16.94
CA VAL A 11 -12.59 -34.35 16.75
C VAL A 11 -11.25 -33.76 16.32
N LEU A 12 -10.15 -34.28 16.88
CA LEU A 12 -8.83 -33.75 16.52
C LEU A 12 -8.57 -33.92 15.03
N GLU A 13 -8.77 -35.13 14.51
CA GLU A 13 -8.45 -35.42 13.11
C GLU A 13 -9.58 -35.05 12.15
N VAL A 14 -10.69 -34.48 12.63
CA VAL A 14 -11.69 -33.92 11.72
C VAL A 14 -11.50 -32.40 11.66
N ARG A 15 -11.60 -31.76 12.83
CA ARG A 15 -11.36 -30.33 12.92
C ARG A 15 -9.94 -29.97 12.49
N GLU A 16 -9.02 -30.92 12.49
CA GLU A 16 -7.71 -30.70 11.89
C GLU A 16 -7.84 -30.54 10.38
N LYS A 17 -8.66 -31.38 9.75
CA LYS A 17 -8.86 -31.28 8.31
C LYS A 17 -9.51 -29.95 7.94
N GLY A 18 -10.60 -29.59 8.64
CA GLY A 18 -11.25 -28.32 8.33
C GLY A 18 -10.39 -27.11 8.67
N TYR A 19 -9.69 -27.18 9.80
CA TYR A 19 -8.84 -26.08 10.25
C TYR A 19 -7.69 -25.85 9.27
N GLU A 20 -7.03 -26.94 8.86
CA GLU A 20 -5.95 -26.84 7.89
C GLU A 20 -6.47 -26.40 6.53
N ARG A 21 -7.70 -26.80 6.16
CA ARG A 21 -8.28 -26.34 4.90
C ARG A 21 -8.42 -24.83 4.89
N LEU A 22 -9.12 -24.27 5.88
CA LEU A 22 -9.30 -22.82 5.93
C LEU A 22 -7.95 -22.11 6.07
N LYS A 23 -7.03 -22.71 6.82
CA LYS A 23 -5.69 -22.14 6.98
C LYS A 23 -4.97 -22.05 5.64
N GLU A 24 -5.03 -23.10 4.84
CA GLU A 24 -4.38 -23.06 3.53
C GLU A 24 -5.04 -22.04 2.60
N GLU A 25 -6.37 -21.93 2.66
CA GLU A 25 -7.03 -20.92 1.84
C GLU A 25 -6.57 -19.52 2.22
N LEU A 26 -6.44 -19.25 3.53
CA LEU A 26 -5.94 -17.96 3.99
C LEU A 26 -4.52 -17.72 3.51
N ALA A 27 -3.67 -18.75 3.58
CA ALA A 27 -2.29 -18.61 3.11
C ALA A 27 -2.27 -18.28 1.62
N LYS A 28 -3.13 -18.91 0.84
CA LYS A 28 -3.21 -18.62 -0.59
C LYS A 28 -3.60 -17.17 -0.84
N ALA A 29 -4.62 -16.68 -0.12
CA ALA A 29 -5.01 -15.28 -0.26
C ALA A 29 -3.85 -14.34 0.11
N GLN A 30 -3.11 -14.69 1.16
CA GLN A 30 -1.97 -13.85 1.56
C GLN A 30 -0.90 -13.82 0.48
N ARG A 31 -0.57 -14.97 -0.10
CA ARG A 31 0.46 -15.02 -1.13
C ARG A 31 0.04 -14.21 -2.36
N GLU A 32 -1.20 -14.39 -2.80
CA GLU A 32 -1.67 -13.61 -3.96
C GLU A 32 -1.64 -12.12 -3.67
N LEU A 33 -2.09 -11.73 -2.47
CA LEU A 33 -2.05 -10.31 -2.10
C LEU A 33 -0.63 -9.76 -2.12
N LYS A 34 0.34 -10.55 -1.63
CA LYS A 34 1.73 -10.09 -1.65
C LYS A 34 2.23 -9.91 -3.07
N LEU A 35 1.94 -10.88 -3.94
CA LEU A 35 2.34 -10.76 -5.34
C LEU A 35 1.78 -9.49 -5.97
N LYS A 36 0.48 -9.27 -5.83
CA LYS A 36 -0.13 -8.08 -6.43
C LYS A 36 0.42 -6.80 -5.81
N ASP A 37 0.78 -6.83 -4.53
CA ASP A 37 1.40 -5.66 -3.92
C ASP A 37 2.75 -5.36 -4.56
N GLU A 38 3.57 -6.39 -4.75
CA GLU A 38 4.87 -6.19 -5.41
C GLU A 38 4.70 -5.62 -6.81
N GLU A 39 3.73 -6.15 -7.57
CA GLU A 39 3.47 -5.57 -8.89
C GLU A 39 3.04 -4.11 -8.80
N CYS A 40 2.23 -3.77 -7.80
CA CYS A 40 1.85 -2.38 -7.61
C CYS A 40 3.07 -1.50 -7.33
N GLU A 41 4.05 -2.01 -6.59
CA GLU A 41 5.27 -1.26 -6.36
C GLU A 41 6.05 -1.06 -7.65
N ARG A 42 6.19 -2.12 -8.46
CA ARG A 42 6.91 -1.99 -9.72
C ARG A 42 6.25 -0.95 -10.63
N LEU A 43 4.92 -1.08 -10.83
CA LEU A 43 4.20 -0.12 -11.67
C LEU A 43 4.27 1.28 -11.10
N SER A 44 4.30 1.41 -9.77
CA SER A 44 4.44 2.73 -9.16
C SER A 44 5.79 3.34 -9.49
N LYS A 45 6.86 2.54 -9.47
CA LYS A 45 8.17 3.04 -9.84
C LYS A 45 8.20 3.46 -11.31
N VAL A 46 7.59 2.66 -12.19
CA VAL A 46 7.50 3.04 -13.59
C VAL A 46 6.78 4.38 -13.74
N ARG A 47 5.66 4.54 -13.04
CA ARG A 47 4.91 5.79 -13.09
C ARG A 47 5.77 6.96 -12.62
N ASP A 48 6.54 6.76 -11.55
CA ASP A 48 7.39 7.85 -11.05
C ASP A 48 8.46 8.22 -12.07
N GLN A 49 9.08 7.23 -12.71
CA GLN A 49 10.10 7.51 -13.72
C GLN A 49 9.51 8.30 -14.89
N LEU A 50 8.33 7.87 -15.38
CA LEU A 50 7.68 8.60 -16.46
C LEU A 50 7.34 10.03 -16.04
N GLY A 51 6.88 10.21 -14.81
CA GLY A 51 6.57 11.54 -14.33
C GLY A 51 7.78 12.45 -14.28
N GLN A 52 8.92 11.92 -13.78
CA GLN A 52 10.13 12.72 -13.73
C GLN A 52 10.60 13.08 -15.13
N GLU A 53 10.55 12.12 -16.06
CA GLU A 53 10.92 12.40 -17.44
C GLU A 53 10.03 13.50 -18.03
N LEU A 54 8.73 13.45 -17.74
CA LEU A 54 7.83 14.51 -18.19
C LEU A 54 8.20 15.85 -17.57
N GLU A 55 8.68 15.85 -16.33
CA GLU A 55 9.14 17.09 -15.71
C GLU A 55 10.33 17.66 -16.47
N GLU A 56 11.31 16.81 -16.78
CA GLU A 56 12.48 17.27 -17.52
C GLU A 56 12.10 17.83 -18.89
N LEU A 57 11.23 17.11 -19.61
CA LEU A 57 10.78 17.59 -20.92
C LEU A 57 10.07 18.93 -20.80
N THR A 58 9.24 19.09 -19.76
CA THR A 58 8.54 20.35 -19.55
C THR A 58 9.52 21.49 -19.32
N ALA A 59 10.50 21.27 -18.45
CA ALA A 59 11.53 22.29 -18.21
C ALA A 59 12.26 22.66 -19.49
N SER A 60 12.63 21.65 -20.29
CA SER A 60 13.30 21.92 -21.56
C SER A 60 12.42 22.76 -22.48
N LEU A 61 11.11 22.48 -22.52
CA LEU A 61 10.23 23.25 -23.38
C LEU A 61 10.12 24.70 -22.92
N PHE A 62 10.06 24.92 -21.61
CA PHE A 62 9.99 26.30 -21.11
C PHE A 62 11.28 27.06 -21.41
N GLU A 63 12.43 26.42 -21.16
CA GLU A 63 13.70 27.06 -21.48
C GLU A 63 13.79 27.40 -22.96
N GLU A 64 13.36 26.48 -23.83
CA GLU A 64 13.38 26.75 -25.27
C GLU A 64 12.47 27.94 -25.60
N ALA A 65 11.31 28.02 -24.96
CA ALA A 65 10.39 29.12 -25.21
C ALA A 65 11.03 30.47 -24.83
N HIS A 66 11.60 30.53 -23.63
N HIS A 66 11.61 30.53 -23.62
CA HIS A 66 12.24 31.78 -23.21
CA HIS A 66 12.25 31.76 -23.18
C HIS A 66 13.43 32.12 -24.09
C HIS A 66 13.43 32.12 -24.09
N LYS A 67 14.15 31.11 -24.58
CA LYS A 67 15.27 31.38 -25.48
C LYS A 67 14.79 31.97 -26.79
N MET A 68 13.73 31.39 -27.37
CA MET A 68 13.19 31.93 -28.61
C MET A 68 12.70 33.36 -28.42
N VAL A 69 12.03 33.63 -27.29
CA VAL A 69 11.58 34.99 -27.01
C VAL A 69 12.78 35.94 -26.93
N ARG A 70 13.84 35.52 -26.23
CA ARG A 70 15.02 36.37 -26.11
C ARG A 70 15.65 36.67 -27.47
N GLU A 71 15.75 35.65 -28.33
CA GLU A 71 16.34 35.86 -29.65
C GLU A 71 15.49 36.81 -30.48
N ALA A 72 14.17 36.63 -30.45
CA ALA A 72 13.29 37.53 -31.17
C ALA A 72 13.45 38.97 -30.68
N ASN A 73 13.58 39.15 -29.36
CA ASN A 73 13.81 40.49 -28.82
C ASN A 73 15.14 41.06 -29.31
N ILE A 74 16.17 40.22 -29.42
CA ILE A 74 17.47 40.69 -29.90
C ILE A 74 17.35 41.19 -31.34
N LYS A 75 16.76 40.37 -32.22
CA LYS A 75 16.60 40.79 -33.61
C LYS A 75 15.75 42.05 -33.72
N GLN A 76 14.69 42.14 -32.91
CA GLN A 76 13.86 43.35 -32.91
C GLN A 76 14.69 44.58 -32.53
N ALA A 77 15.51 44.46 -31.49
CA ALA A 77 16.32 45.60 -31.06
C ALA A 77 17.31 46.02 -32.13
N THR A 78 17.94 45.04 -32.80
CA THR A 78 18.85 45.37 -33.89
C THR A 78 18.12 46.10 -35.02
N ALA A 79 16.95 45.59 -35.40
CA ALA A 79 16.17 46.22 -36.46
C ALA A 79 15.77 47.64 -36.07
N GLU A 80 15.45 47.87 -34.79
CA GLU A 80 15.08 49.21 -34.36
C GLU A 80 16.25 50.17 -34.39
N LYS A 81 17.43 49.73 -33.96
CA LYS A 81 18.60 50.59 -34.02
C LYS A 81 18.94 50.95 -35.47
N GLN A 82 19.01 49.94 -36.33
CA GLN A 82 19.24 50.21 -37.76
C GLN A 82 18.15 51.10 -38.33
N LEU A 83 16.92 50.99 -37.83
CA LEU A 83 15.86 51.89 -38.26
C LEU A 83 16.16 53.32 -37.86
N LYS A 84 16.67 53.54 -36.64
CA LYS A 84 17.04 54.90 -36.22
C LYS A 84 18.13 55.47 -37.12
N GLU A 85 19.18 54.68 -37.39
CA GLU A 85 20.20 55.11 -38.33
C GLU A 85 19.60 55.47 -39.69
N ALA A 86 18.71 54.62 -40.18
CA ALA A 86 18.07 54.86 -41.47
C ALA A 86 17.28 56.16 -41.46
N GLN A 87 16.65 56.48 -40.33
CA GLN A 87 15.88 57.72 -40.24
C GLN A 87 16.80 58.94 -40.27
N GLY A 88 17.91 58.89 -39.54
CA GLY A 88 18.88 59.97 -39.63
C GLY A 88 19.41 60.16 -41.05
N LYS A 89 19.76 59.04 -41.70
CA LYS A 89 20.21 59.11 -43.08
C LYS A 89 19.13 59.70 -43.99
N ILE A 90 17.87 59.38 -43.73
CA ILE A 90 16.77 59.95 -44.51
C ILE A 90 16.71 61.46 -44.32
N ASP A 91 16.89 61.93 -43.08
CA ASP A 91 16.89 63.36 -42.83
C ASP A 91 18.01 64.05 -43.58
N VAL A 92 19.22 63.47 -43.54
CA VAL A 92 20.35 64.06 -44.26
C VAL A 92 20.07 64.10 -45.76
N LEU A 93 19.61 62.98 -46.33
CA LEU A 93 19.37 62.92 -47.76
C LEU A 93 18.27 63.89 -48.20
N GLN A 94 17.24 64.06 -47.37
CA GLN A 94 16.19 65.02 -47.71
C GLN A 94 16.70 66.44 -47.64
N ALA A 95 17.56 66.74 -46.66
CA ALA A 95 18.17 68.06 -46.61
C ALA A 95 19.02 68.32 -47.86
N GLU A 96 19.76 67.31 -48.30
CA GLU A 96 20.57 67.46 -49.51
C GLU A 96 19.69 67.62 -50.75
N VAL A 97 18.55 66.94 -50.80
CA VAL A 97 17.65 67.08 -51.94
C VAL A 97 17.08 68.50 -52.00
N ALA A 98 16.63 69.02 -50.85
CA ALA A 98 16.11 70.39 -50.84
C ALA A 98 17.19 71.40 -51.19
N ALA A 99 18.40 71.22 -50.64
CA ALA A 99 19.50 72.15 -50.91
C ALA A 99 19.88 72.14 -52.39
N LEU A 100 20.05 70.95 -52.97
CA LEU A 100 20.41 70.87 -54.38
C LEU A 100 19.29 71.40 -55.27
N LYS A 101 18.04 71.19 -54.88
CA LYS A 101 16.93 71.79 -55.61
C LYS A 101 17.01 73.31 -55.55
N THR A 102 17.43 73.86 -54.42
CA THR A 102 17.57 75.32 -54.31
C THR A 102 18.73 75.82 -55.15
N LEU A 103 19.82 75.05 -55.23
CA LEU A 103 20.95 75.45 -56.07
C LEU A 103 20.57 75.43 -57.54
N VAL A 104 19.89 74.37 -57.98
CA VAL A 104 19.47 74.29 -59.37
C VAL A 104 18.43 75.37 -59.67
N LEU A 105 17.61 75.72 -58.68
CA LEU A 105 16.62 76.77 -58.89
C LEU A 105 17.27 78.14 -59.12
N SER A 106 18.47 78.35 -58.59
CA SER A 106 19.17 79.62 -58.77
C SER A 106 20.12 79.56 -59.95
N SER B 10 7.10 24.23 -38.31
CA SER B 10 6.29 23.23 -37.63
C SER B 10 6.90 22.84 -36.30
N VAL B 11 7.42 23.84 -35.59
CA VAL B 11 8.07 23.61 -34.30
C VAL B 11 7.06 23.14 -33.27
N LEU B 12 5.93 23.86 -33.17
CA LEU B 12 4.90 23.54 -32.18
C LEU B 12 4.32 22.15 -32.40
N GLU B 13 4.21 21.70 -33.64
CA GLU B 13 3.67 20.37 -33.90
C GLU B 13 4.64 19.29 -33.45
N VAL B 14 5.94 19.52 -33.61
CA VAL B 14 6.94 18.55 -33.17
C VAL B 14 6.95 18.45 -31.65
N ARG B 15 7.16 19.58 -30.98
CA ARG B 15 7.22 19.56 -29.52
C ARG B 15 5.92 19.09 -28.91
N GLU B 16 4.79 19.50 -29.50
CA GLU B 16 3.49 19.02 -29.03
C GLU B 16 3.36 17.51 -29.23
N LYS B 17 3.85 16.99 -30.36
CA LYS B 17 3.77 15.55 -30.61
C LYS B 17 4.55 14.76 -29.57
N GLY B 18 5.80 15.16 -29.31
CA GLY B 18 6.58 14.44 -28.31
C GLY B 18 6.04 14.58 -26.90
N TYR B 19 5.58 15.80 -26.56
CA TYR B 19 5.06 16.05 -25.21
C TYR B 19 3.79 15.25 -24.97
N GLU B 20 2.86 15.28 -25.93
CA GLU B 20 1.63 14.51 -25.80
C GLU B 20 1.90 13.01 -25.83
N ARG B 21 2.91 12.57 -26.58
CA ARG B 21 3.27 11.16 -26.56
C ARG B 21 3.69 10.71 -25.17
N LEU B 22 4.68 11.40 -24.58
CA LEU B 22 5.14 11.03 -23.25
C LEU B 22 4.03 11.17 -22.21
N LYS B 23 3.22 12.23 -22.32
CA LYS B 23 2.11 12.43 -21.40
C LYS B 23 1.12 11.28 -21.49
N GLU B 24 0.81 10.84 -22.71
CA GLU B 24 -0.11 9.71 -22.89
C GLU B 24 0.45 8.43 -22.29
N GLU B 25 1.77 8.22 -22.45
CA GLU B 25 2.39 7.05 -21.83
C GLU B 25 2.25 7.10 -20.31
N LEU B 26 2.46 8.29 -19.73
CA LEU B 26 2.28 8.45 -18.29
C LEU B 26 0.84 8.15 -17.88
N ALA B 27 -0.14 8.64 -18.65
CA ALA B 27 -1.53 8.36 -18.33
C ALA B 27 -1.81 6.86 -18.36
N LYS B 28 -1.23 6.14 -19.33
CA LYS B 28 -1.40 4.70 -19.38
C LYS B 28 -0.84 4.04 -18.12
N ALA B 29 0.36 4.46 -17.71
CA ALA B 29 0.94 3.93 -16.48
C ALA B 29 0.03 4.22 -15.28
N GLN B 30 -0.59 5.40 -15.24
CA GLN B 30 -1.50 5.74 -14.15
C GLN B 30 -2.72 4.82 -14.14
N ARG B 31 -3.31 4.56 -15.31
CA ARG B 31 -4.48 3.69 -15.36
C ARG B 31 -4.12 2.27 -14.90
N GLU B 32 -2.99 1.74 -15.38
CA GLU B 32 -2.58 0.42 -14.96
C GLU B 32 -2.36 0.35 -13.45
N LEU B 33 -1.68 1.36 -12.89
CA LEU B 33 -1.44 1.40 -11.45
C LEU B 33 -2.75 1.45 -10.66
N LYS B 34 -3.72 2.24 -11.14
CA LYS B 34 -5.00 2.32 -10.44
C LYS B 34 -5.73 0.98 -10.47
N LEU B 35 -5.75 0.33 -11.64
CA LEU B 35 -6.38 -0.98 -11.75
C LEU B 35 -5.77 -1.97 -10.76
N LYS B 36 -4.43 -2.07 -10.75
CA LYS B 36 -3.78 -3.02 -9.86
C LYS B 36 -4.00 -2.64 -8.39
N ASP B 37 -4.13 -1.35 -8.09
CA ASP B 37 -4.43 -0.93 -6.73
C ASP B 37 -5.81 -1.42 -6.30
N GLU B 38 -6.82 -1.25 -7.17
CA GLU B 38 -8.15 -1.76 -6.86
C GLU B 38 -8.12 -3.26 -6.67
N GLU B 39 -7.36 -3.97 -7.50
CA GLU B 39 -7.21 -5.41 -7.32
C GLU B 39 -6.60 -5.74 -5.96
N CYS B 40 -5.60 -4.97 -5.54
CA CYS B 40 -5.00 -5.19 -4.23
C CYS B 40 -6.00 -4.96 -3.11
N GLU B 41 -6.88 -3.96 -3.26
CA GLU B 41 -7.90 -3.73 -2.24
C GLU B 41 -8.87 -4.90 -2.17
N ARG B 42 -9.30 -5.41 -3.33
CA ARG B 42 -10.19 -6.56 -3.34
C ARG B 42 -9.55 -7.77 -2.66
N LEU B 43 -8.30 -8.08 -3.04
CA LEU B 43 -7.60 -9.21 -2.42
C LEU B 43 -7.42 -8.99 -0.92
N SER B 44 -7.20 -7.74 -0.49
CA SER B 44 -7.07 -7.45 0.92
C SER B 44 -8.37 -7.71 1.68
N LYS B 45 -9.50 -7.33 1.08
CA LYS B 45 -10.79 -7.60 1.73
C LYS B 45 -11.04 -9.10 1.84
N VAL B 46 -10.73 -9.85 0.77
CA VAL B 46 -10.86 -11.31 0.83
C VAL B 46 -9.99 -11.88 1.95
N ARG B 47 -8.74 -11.43 2.02
CA ARG B 47 -7.84 -11.90 3.07
C ARG B 47 -8.40 -11.62 4.46
N ASP B 48 -8.96 -10.42 4.66
CA ASP B 48 -9.51 -10.07 5.96
C ASP B 48 -10.70 -10.96 6.32
N GLN B 49 -11.58 -11.22 5.35
CA GLN B 49 -12.71 -12.10 5.61
C GLN B 49 -12.24 -13.51 6.00
N LEU B 50 -11.27 -14.05 5.26
CA LEU B 50 -10.73 -15.37 5.60
C LEU B 50 -10.11 -15.37 7.00
N GLY B 51 -9.40 -14.30 7.35
CA GLY B 51 -8.81 -14.22 8.68
C GLY B 51 -9.85 -14.21 9.78
N GLN B 52 -10.93 -13.45 9.61
CA GLN B 52 -12.00 -13.42 10.60
C GLN B 52 -12.66 -14.79 10.73
N GLU B 53 -12.93 -15.44 9.59
CA GLU B 53 -13.50 -16.78 9.63
C GLU B 53 -12.60 -17.75 10.38
N LEU B 54 -11.28 -17.68 10.14
CA LEU B 54 -10.36 -18.52 10.88
C LEU B 54 -10.35 -18.20 12.37
N GLU B 55 -10.54 -16.93 12.73
CA GLU B 55 -10.63 -16.57 14.15
C GLU B 55 -11.85 -17.22 14.80
N GLU B 56 -13.02 -17.10 14.18
CA GLU B 56 -14.21 -17.71 14.74
C GLU B 56 -14.07 -19.22 14.84
N LEU B 57 -13.57 -19.85 13.78
CA LEU B 57 -13.35 -21.30 13.81
C LEU B 57 -12.40 -21.69 14.93
N THR B 58 -11.35 -20.89 15.15
CA THR B 58 -10.42 -21.17 16.22
C THR B 58 -11.11 -21.12 17.58
N ALA B 59 -11.94 -20.09 17.81
CA ALA B 59 -12.68 -20.00 19.06
C ALA B 59 -13.56 -21.22 19.28
N SER B 60 -14.29 -21.64 18.23
CA SER B 60 -15.12 -22.82 18.34
C SER B 60 -14.29 -24.06 18.67
N LEU B 61 -13.11 -24.19 18.05
CA LEU B 61 -12.26 -25.34 18.31
C LEU B 61 -11.77 -25.35 19.75
N PHE B 62 -11.44 -24.17 20.30
CA PHE B 62 -11.04 -24.11 21.70
C PHE B 62 -12.19 -24.51 22.62
N GLU B 63 -13.40 -24.01 22.37
CA GLU B 63 -14.54 -24.41 23.19
C GLU B 63 -14.75 -25.92 23.15
N GLU B 64 -14.70 -26.51 21.95
CA GLU B 64 -14.88 -27.95 21.83
C GLU B 64 -13.76 -28.73 22.53
N ALA B 65 -12.53 -28.24 22.40
CA ALA B 65 -11.39 -28.91 23.05
C ALA B 65 -11.54 -28.90 24.56
N HIS B 66 -11.89 -27.74 25.13
CA HIS B 66 -12.15 -27.67 26.56
C HIS B 66 -13.26 -28.62 26.98
N LYS B 67 -14.33 -28.70 26.16
CA LYS B 67 -15.41 -29.63 26.45
C LYS B 67 -14.89 -31.07 26.51
N MET B 68 -14.07 -31.47 25.54
CA MET B 68 -13.55 -32.83 25.52
C MET B 68 -12.65 -33.10 26.73
N VAL B 69 -11.79 -32.14 27.09
CA VAL B 69 -10.91 -32.32 28.24
C VAL B 69 -11.73 -32.50 29.51
N ARG B 70 -12.71 -31.62 29.71
CA ARG B 70 -13.53 -31.72 30.92
C ARG B 70 -14.28 -33.05 30.99
N GLU B 71 -14.88 -33.47 29.87
CA GLU B 71 -15.63 -34.72 29.87
C GLU B 71 -14.72 -35.92 30.13
N ALA B 72 -13.54 -35.95 29.50
CA ALA B 72 -12.60 -37.05 29.74
C ALA B 72 -12.17 -37.10 31.19
N ASN B 73 -11.89 -35.93 31.78
CA ASN B 73 -11.52 -35.90 33.20
C ASN B 73 -12.65 -36.39 34.07
N ILE B 74 -13.89 -36.04 33.72
CA ILE B 74 -15.04 -36.47 34.50
C ILE B 74 -15.18 -37.99 34.45
N LYS B 75 -15.09 -38.57 33.25
CA LYS B 75 -15.20 -40.03 33.13
C LYS B 75 -14.09 -40.73 33.89
N GLN B 76 -12.86 -40.21 33.80
CA GLN B 76 -11.76 -40.80 34.56
C GLN B 76 -12.04 -40.74 36.06
N ALA B 77 -12.52 -39.59 36.55
CA ALA B 77 -12.82 -39.45 37.96
C ALA B 77 -13.91 -40.42 38.40
N THR B 78 -14.93 -40.61 37.56
CA THR B 78 -16.00 -41.56 37.90
C THR B 78 -15.45 -42.98 38.01
N ALA B 79 -14.67 -43.42 37.01
CA ALA B 79 -14.13 -44.78 37.06
C ALA B 79 -13.22 -44.97 38.27
N GLU B 80 -12.42 -43.95 38.60
CA GLU B 80 -11.52 -44.06 39.75
C GLU B 80 -12.30 -44.08 41.05
N LYS B 81 -13.36 -43.28 41.15
CA LYS B 81 -14.19 -43.27 42.35
C LYS B 81 -14.85 -44.64 42.56
N GLN B 82 -15.47 -45.18 41.51
CA GLN B 82 -16.06 -46.51 41.63
C GLN B 82 -15.01 -47.56 42.00
N LEU B 83 -13.78 -47.41 41.50
CA LEU B 83 -12.71 -48.31 41.91
C LEU B 83 -12.40 -48.18 43.39
N LYS B 84 -12.38 -46.94 43.89
CA LYS B 84 -12.13 -46.72 45.32
C LYS B 84 -13.23 -47.36 46.17
N GLU B 85 -14.49 -47.17 45.79
CA GLU B 85 -15.60 -47.81 46.49
C GLU B 85 -15.44 -49.33 46.50
N ALA B 86 -15.08 -49.91 45.34
CA ALA B 86 -14.90 -51.35 45.29
C ALA B 86 -13.77 -51.81 46.21
N GLN B 87 -12.70 -51.01 46.31
CA GLN B 87 -11.59 -51.37 47.18
C GLN B 87 -11.99 -51.29 48.65
N GLY B 88 -12.73 -50.25 49.03
CA GLY B 88 -13.24 -50.18 50.38
C GLY B 88 -14.14 -51.37 50.72
N LYS B 89 -15.03 -51.73 49.80
CA LYS B 89 -15.88 -52.91 50.02
C LYS B 89 -15.03 -54.17 50.17
N ILE B 90 -13.94 -54.27 49.41
CA ILE B 90 -13.05 -55.42 49.55
C ILE B 90 -12.43 -55.45 50.94
N ASP B 91 -11.99 -54.29 51.44
CA ASP B 91 -11.43 -54.23 52.78
C ASP B 91 -12.46 -54.64 53.83
N VAL B 92 -13.69 -54.14 53.70
CA VAL B 92 -14.74 -54.49 54.65
C VAL B 92 -14.99 -56.00 54.64
N LEU B 93 -15.13 -56.57 53.45
CA LEU B 93 -15.40 -58.01 53.35
C LEU B 93 -14.25 -58.83 53.91
N GLN B 94 -13.02 -58.38 53.71
CA GLN B 94 -11.87 -59.10 54.26
C GLN B 94 -11.86 -59.02 55.77
N ALA B 95 -12.22 -57.86 56.34
CA ALA B 95 -12.35 -57.75 57.78
C ALA B 95 -13.43 -58.69 58.31
N GLU B 96 -14.55 -58.79 57.58
CA GLU B 96 -15.63 -59.68 58.02
C GLU B 96 -15.18 -61.15 57.95
N VAL B 97 -14.38 -61.49 56.94
CA VAL B 97 -13.87 -62.85 56.85
C VAL B 97 -12.92 -63.15 58.00
N ALA B 98 -12.02 -62.21 58.32
CA ALA B 98 -11.11 -62.41 59.44
C ALA B 98 -11.87 -62.55 60.76
N ALA B 99 -12.90 -61.72 60.97
CA ALA B 99 -13.67 -61.81 62.21
C ALA B 99 -14.40 -63.14 62.32
N LEU B 100 -15.06 -63.55 61.23
CA LEU B 100 -15.82 -64.80 61.26
C LEU B 100 -14.90 -65.99 61.46
N LYS B 101 -13.76 -66.01 60.77
CA LYS B 101 -12.79 -67.09 60.96
C LYS B 101 -12.23 -67.08 62.38
N THR B 102 -12.07 -65.90 62.98
CA THR B 102 -11.65 -65.84 64.37
C THR B 102 -12.71 -66.45 65.28
N LEU B 103 -13.99 -66.24 64.96
CA LEU B 103 -15.06 -66.85 65.73
C LEU B 103 -15.04 -68.37 65.60
N VAL B 104 -14.85 -68.88 64.39
CA VAL B 104 -14.84 -70.32 64.18
C VAL B 104 -13.65 -70.96 64.87
N LEU B 105 -12.49 -70.29 64.87
CA LEU B 105 -11.29 -70.82 65.48
C LEU B 105 -11.20 -70.56 66.97
N SER B 106 -12.26 -70.03 67.59
CA SER B 106 -12.24 -69.75 69.01
C SER B 106 -12.94 -70.85 69.81
N GLU C 16 -1.72 -20.46 28.72
CA GLU C 16 -3.03 -19.84 28.49
C GLU C 16 -2.90 -18.32 28.52
N LYS C 17 -2.11 -17.81 29.46
CA LYS C 17 -1.88 -16.36 29.54
C LYS C 17 -1.18 -15.84 28.29
N GLY C 18 -0.17 -16.58 27.82
CA GLY C 18 0.53 -16.17 26.62
C GLY C 18 -0.34 -16.11 25.39
N TYR C 19 -1.32 -17.03 25.29
CA TYR C 19 -2.20 -17.01 24.13
C TYR C 19 -3.06 -15.76 24.08
N GLU C 20 -3.70 -15.41 25.21
CA GLU C 20 -4.54 -14.21 25.23
C GLU C 20 -3.72 -12.94 25.10
N ARG C 21 -2.54 -12.90 25.74
CA ARG C 21 -1.67 -11.74 25.63
C ARG C 21 -1.20 -11.54 24.19
N LEU C 22 -0.64 -12.59 23.60
CA LEU C 22 -0.16 -12.50 22.22
C LEU C 22 -1.29 -12.20 21.26
N LYS C 23 -2.47 -12.76 21.50
CA LYS C 23 -3.63 -12.47 20.66
C LYS C 23 -4.00 -10.99 20.72
N GLU C 24 -4.03 -10.41 21.92
CA GLU C 24 -4.34 -9.00 22.05
C GLU C 24 -3.27 -8.13 21.40
N GLU C 25 -2.00 -8.53 21.54
CA GLU C 25 -0.92 -7.78 20.88
C GLU C 25 -1.08 -7.82 19.37
N LEU C 26 -1.45 -8.99 18.82
CA LEU C 26 -1.69 -9.09 17.39
C LEU C 26 -2.84 -8.19 16.95
N ALA C 27 -3.94 -8.19 17.71
CA ALA C 27 -5.05 -7.32 17.36
C ALA C 27 -4.65 -5.84 17.40
N LYS C 28 -3.88 -5.45 18.41
CA LYS C 28 -3.40 -4.07 18.50
C LYS C 28 -2.53 -3.71 17.30
N ALA C 29 -1.60 -4.60 16.94
CA ALA C 29 -0.77 -4.38 15.77
C ALA C 29 -1.63 -4.23 14.52
N GLN C 30 -2.71 -5.01 14.42
CA GLN C 30 -3.62 -4.87 13.29
C GLN C 30 -4.26 -3.49 13.26
N ARG C 31 -4.70 -3.00 14.43
CA ARG C 31 -5.33 -1.68 14.48
C ARG C 31 -4.35 -0.59 14.06
N GLU C 32 -3.12 -0.64 14.60
CA GLU C 32 -2.12 0.37 14.27
C GLU C 32 -1.79 0.33 12.77
N LEU C 33 -1.58 -0.87 12.23
CA LEU C 33 -1.28 -0.99 10.81
C LEU C 33 -2.40 -0.45 9.96
N LYS C 34 -3.65 -0.72 10.34
CA LYS C 34 -4.78 -0.19 9.58
C LYS C 34 -4.81 1.33 9.63
N LEU C 35 -4.60 1.92 10.81
CA LEU C 35 -4.58 3.36 10.93
C LEU C 35 -3.53 3.99 10.02
N LYS C 36 -2.29 3.51 10.11
CA LYS C 36 -1.22 4.11 9.30
C LYS C 36 -1.43 3.84 7.81
N ASP C 37 -2.04 2.71 7.45
CA ASP C 37 -2.35 2.45 6.04
C ASP C 37 -3.37 3.46 5.52
N GLU C 38 -4.43 3.69 6.29
CA GLU C 38 -5.43 4.68 5.89
C GLU C 38 -4.80 6.07 5.75
N GLU C 39 -3.90 6.42 6.68
CA GLU C 39 -3.18 7.68 6.54
C GLU C 39 -2.38 7.73 5.25
N CYS C 40 -1.72 6.62 4.90
CA CYS C 40 -0.98 6.57 3.64
C CYS C 40 -1.89 6.77 2.44
N GLU C 41 -3.10 6.23 2.50
CA GLU C 41 -4.06 6.45 1.42
C GLU C 41 -4.45 7.92 1.33
N ARG C 42 -4.69 8.56 2.47
CA ARG C 42 -5.00 9.98 2.48
C ARG C 42 -3.88 10.79 1.82
N LEU C 43 -2.63 10.54 2.24
CA LEU C 43 -1.51 11.25 1.64
C LEU C 43 -1.39 10.97 0.15
N SER C 44 -1.74 9.76 -0.29
CA SER C 44 -1.71 9.46 -1.71
C SER C 44 -2.73 10.28 -2.48
N LYS C 45 -3.94 10.42 -1.92
CA LYS C 45 -4.95 11.24 -2.58
C LYS C 45 -4.53 12.71 -2.62
N VAL C 46 -3.97 13.22 -1.53
CA VAL C 46 -3.47 14.60 -1.52
C VAL C 46 -2.42 14.78 -2.60
N ARG C 47 -1.48 13.83 -2.69
CA ARG C 47 -0.44 13.88 -3.71
C ARG C 47 -1.04 13.91 -5.11
N ASP C 48 -2.08 13.11 -5.35
CA ASP C 48 -2.72 13.10 -6.66
C ASP C 48 -3.36 14.44 -6.97
N GLN C 49 -4.04 15.04 -5.99
CA GLN C 49 -4.64 16.35 -6.21
C GLN C 49 -3.58 17.39 -6.55
N LEU C 50 -2.47 17.38 -5.83
CA LEU C 50 -1.38 18.31 -6.13
C LEU C 50 -0.85 18.08 -7.55
N GLY C 51 -0.75 16.82 -7.96
CA GLY C 51 -0.29 16.53 -9.30
C GLY C 51 -1.23 17.07 -10.38
N GLN C 52 -2.54 16.90 -10.18
CA GLN C 52 -3.50 17.42 -11.13
C GLN C 52 -3.44 18.94 -11.19
N GLU C 53 -3.34 19.60 -10.03
CA GLU C 53 -3.22 21.05 -9.99
C GLU C 53 -1.97 21.51 -10.76
N LEU C 54 -0.85 20.81 -10.57
CA LEU C 54 0.35 21.13 -11.32
C LEU C 54 0.16 20.91 -12.81
N GLU C 55 -0.65 19.92 -13.19
CA GLU C 55 -0.95 19.70 -14.60
C GLU C 55 -1.70 20.89 -15.19
N GLU C 56 -2.76 21.34 -14.53
CA GLU C 56 -3.54 22.48 -15.03
C GLU C 56 -2.68 23.74 -15.11
N LEU C 57 -1.92 24.02 -14.04
CA LEU C 57 -1.05 25.19 -14.05
C LEU C 57 -0.02 25.10 -15.15
N THR C 58 0.51 23.90 -15.40
CA THR C 58 1.47 23.71 -16.47
C THR C 58 0.85 24.02 -17.83
N ALA C 59 -0.36 23.53 -18.07
CA ALA C 59 -1.04 23.84 -19.33
C ALA C 59 -1.22 25.34 -19.50
N SER C 60 -1.67 26.04 -18.45
CA SER C 60 -1.82 27.49 -18.53
C SER C 60 -0.49 28.16 -18.85
N LEU C 61 0.59 27.69 -18.22
CA LEU C 61 1.91 28.28 -18.48
C LEU C 61 2.34 28.05 -19.92
N PHE C 62 2.00 26.88 -20.49
CA PHE C 62 2.32 26.63 -21.89
C PHE C 62 1.56 27.58 -22.81
N GLU C 63 0.26 27.80 -22.53
CA GLU C 63 -0.48 28.77 -23.33
C GLU C 63 0.16 30.16 -23.25
N GLU C 64 0.57 30.57 -22.04
CA GLU C 64 1.21 31.86 -21.88
C GLU C 64 2.53 31.92 -22.66
N ALA C 65 3.29 30.82 -22.66
CA ALA C 65 4.56 30.79 -23.38
C ALA C 65 4.34 30.93 -24.88
N HIS C 66 3.35 30.21 -25.42
CA HIS C 66 3.03 30.36 -26.84
C HIS C 66 2.62 31.79 -27.16
N LYS C 67 1.86 32.41 -26.25
CA LYS C 67 1.50 33.82 -26.43
C LYS C 67 2.75 34.70 -26.51
N MET C 68 3.70 34.49 -25.59
CA MET C 68 4.91 35.30 -25.58
C MET C 68 5.72 35.11 -26.86
N VAL C 69 5.85 33.86 -27.33
CA VAL C 69 6.60 33.61 -28.56
C VAL C 69 5.94 34.31 -29.73
N ARG C 70 4.61 34.18 -29.85
CA ARG C 70 3.91 34.82 -30.97
C ARG C 70 4.06 36.33 -30.94
N GLU C 71 3.91 36.94 -29.75
CA GLU C 71 4.02 38.39 -29.66
C GLU C 71 5.42 38.87 -29.98
N ALA C 72 6.45 38.18 -29.46
CA ALA C 72 7.82 38.57 -29.77
C ALA C 72 8.10 38.47 -31.27
N ASN C 73 7.62 37.40 -31.91
CA ASN C 73 7.81 37.27 -33.35
C ASN C 73 7.10 38.39 -34.10
N ILE C 74 5.91 38.78 -33.64
CA ILE C 74 5.17 39.86 -34.29
C ILE C 74 5.94 41.17 -34.19
N LYS C 75 6.41 41.51 -32.98
CA LYS C 75 7.16 42.75 -32.81
C LYS C 75 8.44 42.76 -33.64
N GLN C 76 9.13 41.62 -33.70
CA GLN C 76 10.33 41.53 -34.53
C GLN C 76 9.99 41.78 -36.00
N ALA C 77 8.91 41.15 -36.48
CA ALA C 77 8.51 41.33 -37.87
C ALA C 77 8.15 42.79 -38.16
N THR C 78 7.48 43.46 -37.21
CA THR C 78 7.14 44.86 -37.40
C THR C 78 8.39 45.73 -37.51
N ALA C 79 9.34 45.54 -36.58
CA ALA C 79 10.55 46.35 -36.63
C ALA C 79 11.33 46.12 -37.91
N GLU C 80 11.40 44.85 -38.37
CA GLU C 80 12.12 44.56 -39.60
C GLU C 80 11.42 45.16 -40.81
N LYS C 81 10.08 45.13 -40.81
CA LYS C 81 9.33 45.74 -41.90
C LYS C 81 9.57 47.23 -41.98
N GLN C 82 9.47 47.93 -40.85
CA GLN C 82 9.74 49.37 -40.84
C GLN C 82 11.17 49.67 -41.29
N LEU C 83 12.11 48.79 -40.94
CA LEU C 83 13.48 48.97 -41.41
C LEU C 83 13.56 48.83 -42.92
N LYS C 84 12.85 47.85 -43.49
CA LYS C 84 12.84 47.66 -44.93
C LYS C 84 12.25 48.88 -45.65
N GLU C 85 11.12 49.37 -45.15
CA GLU C 85 10.51 50.58 -45.72
C GLU C 85 11.49 51.75 -45.69
N ALA C 86 12.15 51.95 -44.55
CA ALA C 86 13.12 53.04 -44.44
C ALA C 86 14.25 52.87 -45.44
N GLN C 87 14.68 51.62 -45.67
CA GLN C 87 15.76 51.38 -46.62
C GLN C 87 15.32 51.68 -48.05
N GLY C 88 14.10 51.30 -48.42
CA GLY C 88 13.59 51.67 -49.72
C GLY C 88 13.53 53.17 -49.91
N LYS C 89 13.04 53.90 -48.89
CA LYS C 89 13.03 55.36 -48.96
C LYS C 89 14.45 55.90 -49.12
N ILE C 90 15.42 55.27 -48.45
CA ILE C 90 16.81 55.69 -48.61
C ILE C 90 17.27 55.49 -50.04
N ASP C 91 16.90 54.37 -50.66
CA ASP C 91 17.27 54.12 -52.04
C ASP C 91 16.70 55.18 -52.97
N VAL C 92 15.41 55.52 -52.79
CA VAL C 92 14.80 56.55 -53.63
C VAL C 92 15.52 57.88 -53.45
N LEU C 93 15.74 58.29 -52.19
CA LEU C 93 16.38 59.57 -51.94
C LEU C 93 17.80 59.62 -52.50
N GLN C 94 18.52 58.49 -52.43
CA GLN C 94 19.87 58.44 -52.99
C GLN C 94 19.84 58.54 -54.51
N ALA C 95 18.85 57.90 -55.15
CA ALA C 95 18.73 58.03 -56.60
C ALA C 95 18.44 59.48 -56.99
N GLU C 96 17.56 60.15 -56.26
CA GLU C 96 17.26 61.54 -56.57
C GLU C 96 18.47 62.43 -56.31
N VAL C 97 19.25 62.13 -55.27
CA VAL C 97 20.46 62.90 -54.98
C VAL C 97 21.48 62.72 -56.10
N ALA C 98 21.67 61.48 -56.56
CA ALA C 98 22.59 61.24 -57.66
C ALA C 98 22.15 61.96 -58.92
N ALA C 99 20.84 61.95 -59.20
CA ALA C 99 20.33 62.65 -60.38
C ALA C 99 20.56 64.15 -60.28
N LEU C 100 20.25 64.74 -59.12
CA LEU C 100 20.43 66.17 -58.95
C LEU C 100 21.89 66.58 -59.02
N LYS C 101 22.79 65.78 -58.44
CA LYS C 101 24.21 66.06 -58.54
C LYS C 101 24.70 65.92 -59.97
N THR C 102 24.15 64.95 -60.72
CA THR C 102 24.46 64.86 -62.14
C THR C 102 23.99 66.09 -62.90
N LEU C 103 22.86 66.67 -62.48
CA LEU C 103 22.37 67.88 -63.14
C LEU C 103 23.34 69.04 -62.94
N VAL C 104 23.84 69.21 -61.72
CA VAL C 104 24.76 70.30 -61.41
C VAL C 104 26.08 70.09 -62.14
N PRO D 9 1.32 40.49 -16.17
CA PRO D 9 2.31 41.22 -15.36
C PRO D 9 2.66 40.49 -14.07
N SER D 10 2.21 41.01 -12.93
CA SER D 10 2.51 40.38 -11.65
C SER D 10 1.84 39.01 -11.53
N VAL D 11 0.69 38.82 -12.18
CA VAL D 11 0.00 37.54 -12.12
C VAL D 11 0.85 36.43 -12.72
N LEU D 12 1.68 36.77 -13.72
CA LEU D 12 2.59 35.79 -14.28
C LEU D 12 3.68 35.41 -13.29
N GLU D 13 4.18 36.39 -12.53
CA GLU D 13 5.17 36.10 -11.50
C GLU D 13 4.57 35.22 -10.41
N VAL D 14 3.32 35.50 -10.01
CA VAL D 14 2.64 34.62 -9.07
C VAL D 14 2.40 33.25 -9.67
N ARG D 15 2.31 33.18 -11.01
CA ARG D 15 2.11 31.88 -11.67
C ARG D 15 3.39 31.05 -11.63
N GLU D 16 4.54 31.66 -11.92
CA GLU D 16 5.80 30.93 -11.84
C GLU D 16 6.14 30.56 -10.41
N LYS D 17 5.90 31.49 -9.47
CA LYS D 17 6.13 31.21 -8.06
C LYS D 17 5.23 30.06 -7.61
N GLY D 18 3.97 30.06 -8.03
CA GLY D 18 3.08 28.96 -7.72
C GLY D 18 3.54 27.66 -8.36
N TYR D 19 4.15 27.74 -9.54
CA TYR D 19 4.63 26.53 -10.21
C TYR D 19 5.77 25.88 -9.44
N GLU D 20 6.81 26.65 -9.08
CA GLU D 20 7.92 26.07 -8.34
C GLU D 20 7.51 25.70 -6.92
N ARG D 21 6.65 26.51 -6.30
CA ARG D 21 6.15 26.20 -4.96
C ARG D 21 5.38 24.89 -4.96
N LEU D 22 4.41 24.78 -5.87
CA LEU D 22 3.60 23.57 -5.97
C LEU D 22 4.47 22.35 -6.28
N LYS D 23 5.51 22.53 -7.10
CA LYS D 23 6.43 21.43 -7.36
C LYS D 23 7.12 20.98 -6.07
N GLU D 24 7.60 21.95 -5.27
CA GLU D 24 8.28 21.59 -4.02
C GLU D 24 7.32 20.91 -3.03
N GLU D 25 6.08 21.39 -2.93
CA GLU D 25 5.10 20.71 -2.07
C GLU D 25 4.82 19.29 -2.56
N LEU D 26 4.72 19.11 -3.88
CA LEU D 26 4.52 17.77 -4.40
C LEU D 26 5.67 16.85 -4.02
N ALA D 27 6.91 17.34 -4.13
CA ALA D 27 8.06 16.54 -3.73
C ALA D 27 8.02 16.21 -2.24
N LYS D 28 7.65 17.20 -1.40
CA LYS D 28 7.57 16.95 0.03
C LYS D 28 6.51 15.89 0.35
N ALA D 29 5.34 16.00 -0.27
CA ALA D 29 4.31 14.99 -0.10
C ALA D 29 4.81 13.62 -0.53
N GLN D 30 5.61 13.57 -1.59
CA GLN D 30 6.20 12.30 -2.01
C GLN D 30 7.10 11.73 -0.93
N ARG D 31 7.95 12.57 -0.33
CA ARG D 31 8.85 12.10 0.72
C ARG D 31 8.08 11.59 1.93
N GLU D 32 7.07 12.35 2.38
CA GLU D 32 6.28 11.92 3.53
C GLU D 32 5.56 10.61 3.24
N LEU D 33 4.93 10.51 2.06
CA LEU D 33 4.23 9.29 1.69
C LEU D 33 5.17 8.09 1.63
N LYS D 34 6.37 8.28 1.09
CA LYS D 34 7.32 7.18 1.03
C LYS D 34 7.75 6.73 2.42
N LEU D 35 8.08 7.69 3.29
CA LEU D 35 8.48 7.35 4.65
C LEU D 35 7.37 6.57 5.37
N LYS D 36 6.14 7.10 5.34
CA LYS D 36 5.05 6.42 6.04
C LYS D 36 4.74 5.07 5.41
N ASP D 37 4.95 4.93 4.10
CA ASP D 37 4.79 3.62 3.46
C ASP D 37 5.79 2.62 4.00
N GLU D 38 7.07 3.04 4.12
CA GLU D 38 8.08 2.15 4.69
C GLU D 38 7.72 1.75 6.13
N GLU D 39 7.22 2.71 6.92
CA GLU D 39 6.77 2.37 8.26
C GLU D 39 5.64 1.35 8.23
N CYS D 40 4.71 1.51 7.29
CA CYS D 40 3.62 0.55 7.15
C CYS D 40 4.15 -0.83 6.80
N GLU D 41 5.21 -0.89 5.98
CA GLU D 41 5.81 -2.18 5.66
C GLU D 41 6.42 -2.82 6.91
N ARG D 42 7.12 -2.03 7.72
CA ARG D 42 7.67 -2.56 8.97
C ARG D 42 6.56 -3.13 9.86
N LEU D 43 5.50 -2.35 10.08
CA LEU D 43 4.41 -2.83 10.92
C LEU D 43 3.74 -4.06 10.31
N SER D 44 3.68 -4.15 8.99
CA SER D 44 3.09 -5.33 8.36
C SER D 44 3.92 -6.57 8.62
N LYS D 45 5.25 -6.44 8.52
CA LYS D 45 6.11 -7.59 8.81
C LYS D 45 6.01 -8.00 10.28
N VAL D 46 5.98 -7.02 11.19
CA VAL D 46 5.79 -7.32 12.60
C VAL D 46 4.49 -8.08 12.82
N ARG D 47 3.41 -7.59 12.19
CA ARG D 47 2.11 -8.26 12.29
C ARG D 47 2.20 -9.70 11.79
N ASP D 48 2.90 -9.93 10.68
CA ASP D 48 3.01 -11.28 10.16
C ASP D 48 3.76 -12.19 11.13
N GLN D 49 4.86 -11.69 11.71
CA GLN D 49 5.60 -12.49 12.68
C GLN D 49 4.74 -12.84 13.89
N LEU D 50 4.01 -11.85 14.43
CA LEU D 50 3.12 -12.12 15.56
C LEU D 50 2.05 -13.14 15.19
N GLY D 51 1.52 -13.05 13.97
CA GLY D 51 0.52 -14.01 13.53
C GLY D 51 1.07 -15.43 13.46
N GLN D 52 2.29 -15.57 12.93
CA GLN D 52 2.90 -16.89 12.87
C GLN D 52 3.16 -17.46 14.26
N GLU D 53 3.66 -16.62 15.18
CA GLU D 53 3.88 -17.08 16.55
C GLU D 53 2.58 -17.53 17.20
N LEU D 54 1.50 -16.76 17.03
CA LEU D 54 0.21 -17.17 17.56
C LEU D 54 -0.30 -18.45 16.92
N GLU D 55 0.02 -18.64 15.64
CA GLU D 55 -0.35 -19.88 14.95
C GLU D 55 0.33 -21.09 15.58
N GLU D 56 1.65 -20.99 15.78
CA GLU D 56 2.38 -22.10 16.39
C GLU D 56 1.87 -22.38 17.80
N LEU D 57 1.67 -21.33 18.60
CA LEU D 57 1.15 -21.53 19.95
C LEU D 57 -0.23 -22.19 19.93
N THR D 58 -1.08 -21.81 18.97
CA THR D 58 -2.41 -22.42 18.87
C THR D 58 -2.31 -23.90 18.57
N ALA D 59 -1.47 -24.27 17.59
CA ALA D 59 -1.28 -25.68 17.28
C ALA D 59 -0.78 -26.46 18.49
N SER D 60 0.20 -25.89 19.21
CA SER D 60 0.72 -26.54 20.41
C SER D 60 -0.39 -26.75 21.44
N LEU D 61 -1.27 -25.75 21.61
CA LEU D 61 -2.35 -25.91 22.57
C LEU D 61 -3.33 -27.00 22.16
N PHE D 62 -3.62 -27.12 20.85
CA PHE D 62 -4.51 -28.17 20.40
C PHE D 62 -3.91 -29.55 20.65
N GLU D 63 -2.64 -29.72 20.30
CA GLU D 63 -1.96 -30.99 20.56
C GLU D 63 -1.95 -31.31 22.04
N GLU D 64 -1.70 -30.30 22.88
CA GLU D 64 -1.69 -30.52 24.33
C GLU D 64 -3.06 -30.98 24.82
N ALA D 65 -4.13 -30.40 24.27
CA ALA D 65 -5.48 -30.82 24.67
C ALA D 65 -5.73 -32.27 24.29
N HIS D 66 -5.38 -32.64 23.05
CA HIS D 66 -5.55 -34.04 22.64
C HIS D 66 -4.75 -34.98 23.52
N LYS D 67 -3.51 -34.60 23.87
CA LYS D 67 -2.69 -35.44 24.73
C LYS D 67 -3.33 -35.64 26.10
N MET D 68 -3.85 -34.55 26.69
CA MET D 68 -4.50 -34.66 27.98
C MET D 68 -5.73 -35.57 27.91
N VAL D 69 -6.51 -35.45 26.83
CA VAL D 69 -7.66 -36.33 26.65
C VAL D 69 -7.20 -37.79 26.58
N ARG D 70 -6.15 -38.06 25.82
CA ARG D 70 -5.65 -39.43 25.69
C ARG D 70 -5.21 -39.99 27.04
N GLU D 71 -4.48 -39.19 27.83
CA GLU D 71 -4.02 -39.66 29.14
C GLU D 71 -5.20 -39.95 30.05
N ALA D 72 -6.20 -39.06 30.06
CA ALA D 72 -7.39 -39.31 30.86
C ALA D 72 -8.09 -40.60 30.44
N ASN D 73 -8.16 -40.85 29.13
CA ASN D 73 -8.76 -42.09 28.66
C ASN D 73 -7.97 -43.31 29.13
N ILE D 74 -6.63 -43.21 29.14
CA ILE D 74 -5.81 -44.33 29.58
C ILE D 74 -6.06 -44.63 31.06
N LYS D 75 -6.03 -43.59 31.89
CA LYS D 75 -6.28 -43.81 33.33
C LYS D 75 -7.69 -44.34 33.56
N GLN D 76 -8.67 -43.84 32.81
CA GLN D 76 -10.04 -44.34 32.93
C GLN D 76 -10.10 -45.84 32.60
N ALA D 77 -9.47 -46.25 31.50
CA ALA D 77 -9.49 -47.65 31.12
C ALA D 77 -8.82 -48.53 32.17
N THR D 78 -7.70 -48.06 32.74
CA THR D 78 -7.04 -48.81 33.80
C THR D 78 -7.96 -48.95 35.01
N ALA D 79 -8.59 -47.85 35.42
CA ALA D 79 -9.50 -47.89 36.56
C ALA D 79 -10.67 -48.84 36.30
N GLU D 80 -11.17 -48.89 35.07
CA GLU D 80 -12.29 -49.78 34.77
C GLU D 80 -11.88 -51.24 34.81
N LYS D 81 -10.70 -51.58 34.25
CA LYS D 81 -10.24 -52.96 34.31
C LYS D 81 -10.01 -53.40 35.75
N GLN D 82 -9.29 -52.58 36.51
CA GLN D 82 -9.09 -52.86 37.93
C GLN D 82 -10.41 -52.96 38.66
N LEU D 83 -11.42 -52.19 38.23
CA LEU D 83 -12.75 -52.29 38.81
C LEU D 83 -13.37 -53.65 38.53
N LYS D 84 -13.20 -54.18 37.31
CA LYS D 84 -13.72 -55.50 37.01
C LYS D 84 -13.07 -56.57 37.89
N GLU D 85 -11.75 -56.53 37.99
CA GLU D 85 -11.05 -57.46 38.88
C GLU D 85 -11.56 -57.34 40.31
N ALA D 86 -11.70 -56.10 40.79
CA ALA D 86 -12.21 -55.87 42.15
C ALA D 86 -13.61 -56.42 42.33
N GLN D 87 -14.45 -56.35 41.29
CA GLN D 87 -15.81 -56.86 41.38
C GLN D 87 -15.80 -58.39 41.48
N GLY D 88 -14.95 -59.05 40.70
CA GLY D 88 -14.81 -60.50 40.86
C GLY D 88 -14.36 -60.88 42.26
N LYS D 89 -13.36 -60.16 42.78
CA LYS D 89 -12.90 -60.40 44.14
C LYS D 89 -14.02 -60.18 45.16
N ILE D 90 -14.86 -59.17 44.92
CA ILE D 90 -16.00 -58.91 45.79
C ILE D 90 -16.97 -60.08 45.76
N ASP D 91 -17.22 -60.64 44.58
CA ASP D 91 -18.10 -61.80 44.48
C ASP D 91 -17.56 -62.98 45.28
N VAL D 92 -16.27 -63.27 45.12
CA VAL D 92 -15.65 -64.37 45.86
C VAL D 92 -15.77 -64.14 47.37
N LEU D 93 -15.39 -62.94 47.82
CA LEU D 93 -15.43 -62.65 49.25
C LEU D 93 -16.84 -62.70 49.80
N GLN D 94 -17.83 -62.29 49.01
CA GLN D 94 -19.22 -62.36 49.46
C GLN D 94 -19.69 -63.81 49.57
N ALA D 95 -19.28 -64.67 48.63
CA ALA D 95 -19.63 -66.08 48.74
C ALA D 95 -19.00 -66.72 49.98
N GLU D 96 -17.72 -66.42 50.23
CA GLU D 96 -17.07 -66.95 51.42
C GLU D 96 -17.70 -66.40 52.69
N VAL D 97 -18.15 -65.14 52.65
CA VAL D 97 -18.83 -64.53 53.79
C VAL D 97 -20.16 -65.23 54.06
N ALA D 98 -20.94 -65.50 53.00
CA ALA D 98 -22.20 -66.21 53.19
C ALA D 98 -21.95 -67.60 53.77
N ALA D 99 -20.91 -68.28 53.29
CA ALA D 99 -20.59 -69.60 53.82
C ALA D 99 -20.23 -69.54 55.30
N LEU D 100 -19.39 -68.57 55.68
CA LEU D 100 -18.99 -68.45 57.08
C LEU D 100 -20.18 -68.11 57.98
N LYS D 101 -21.01 -67.14 57.57
CA LYS D 101 -22.17 -66.78 58.38
CA LYS D 101 -22.16 -66.78 58.38
C LYS D 101 -23.13 -67.95 58.52
N THR D 102 -23.35 -68.70 57.44
CA THR D 102 -24.22 -69.87 57.54
C THR D 102 -23.62 -70.93 58.46
N LEU D 103 -22.29 -71.06 58.43
CA LEU D 103 -21.62 -72.01 59.31
C LEU D 103 -21.77 -71.63 60.77
N VAL D 104 -21.58 -70.35 61.10
CA VAL D 104 -21.68 -69.91 62.49
C VAL D 104 -23.10 -70.06 63.00
N LEU D 105 -24.08 -69.56 62.24
CA LEU D 105 -25.48 -69.61 62.65
C LEU D 105 -26.00 -71.02 62.45
N SER D 106 -26.04 -71.80 63.53
CA SER D 106 -26.53 -73.17 63.49
C SER D 106 -27.41 -73.47 64.69
#